data_6LVN
#
_entry.id   6LVN
#
_cell.length_a   28.195
_cell.length_b   49.729
_cell.length_c   89.576
_cell.angle_alpha   90.000
_cell.angle_beta   90.000
_cell.angle_gamma   90.000
#
_symmetry.space_group_name_H-M   'P 21 21 21'
#
loop_
_entity.id
_entity.type
_entity.pdbx_description
1 polymer "Spike protein S2'"
2 water water
#
_entity_poly.entity_id   1
_entity_poly.type   'polypeptide(L)'
_entity_poly.pdbx_seq_one_letter_code
;DISGINASVVNIQKEIDRLNEVAKNLNESLIDLQEL
;
_entity_poly.pdbx_strand_id   A,B,C,D
#
# COMPACT_ATOMS: atom_id res chain seq x y z
N ILE A 2 -1.23 30.56 -6.77
CA ILE A 2 -1.44 29.89 -5.49
C ILE A 2 -2.92 29.55 -5.32
N SER A 3 -3.80 30.36 -5.95
CA SER A 3 -5.22 30.02 -5.95
C SER A 3 -5.49 28.75 -6.74
N GLY A 4 -4.70 28.50 -7.79
CA GLY A 4 -4.80 27.23 -8.48
C GLY A 4 -4.38 26.05 -7.62
N ILE A 5 -3.40 26.27 -6.74
CA ILE A 5 -2.99 25.21 -5.81
C ILE A 5 -4.10 24.93 -4.80
N ASN A 6 -4.71 25.98 -4.24
CA ASN A 6 -5.82 25.78 -3.31
C ASN A 6 -7.00 25.07 -3.98
N ALA A 7 -7.31 25.45 -5.22
CA ALA A 7 -8.39 24.79 -5.95
C ALA A 7 -8.03 23.34 -6.23
N SER A 8 -6.77 23.05 -6.55
CA SER A 8 -6.34 21.67 -6.76
C SER A 8 -6.50 20.85 -5.48
N VAL A 9 -6.21 21.45 -4.33
CA VAL A 9 -6.36 20.74 -3.06
C VAL A 9 -7.83 20.38 -2.83
N VAL A 10 -8.72 21.36 -3.06
CA VAL A 10 -10.15 21.12 -2.85
C VAL A 10 -10.66 20.03 -3.79
N ASN A 11 -10.29 20.12 -5.07
CA ASN A 11 -10.82 19.18 -6.05
C ASN A 11 -10.28 17.76 -5.83
N ILE A 12 -9.00 17.65 -5.48
CA ILE A 12 -8.44 16.32 -5.23
C ILE A 12 -9.08 15.70 -3.99
N GLN A 13 -9.37 16.52 -2.97
CA GLN A 13 -10.09 15.99 -1.82
C GLN A 13 -11.47 15.48 -2.22
N LYS A 14 -12.17 16.22 -3.08
CA LYS A 14 -13.47 15.74 -3.56
C LYS A 14 -13.35 14.39 -4.25
N GLU A 15 -12.29 14.20 -5.04
CA GLU A 15 -12.12 12.93 -5.73
C GLU A 15 -11.73 11.80 -4.77
N ILE A 16 -10.99 12.11 -3.71
CA ILE A 16 -10.70 11.12 -2.69
C ILE A 16 -11.99 10.63 -2.05
N ASP A 17 -12.90 11.57 -1.74
CA ASP A 17 -14.19 11.17 -1.19
C ASP A 17 -14.95 10.27 -2.16
N ARG A 18 -14.97 10.63 -3.44
CA ARG A 18 -15.61 9.78 -4.44
C ARG A 18 -15.02 8.37 -4.43
N LEU A 19 -13.69 8.27 -4.35
CA LEU A 19 -13.03 6.97 -4.37
C LEU A 19 -13.43 6.11 -3.17
N ASN A 20 -13.51 6.74 -1.99
CA ASN A 20 -13.95 6.00 -0.81
C ASN A 20 -15.36 5.48 -0.98
N GLU A 21 -16.24 6.30 -1.57
CA GLU A 21 -17.62 5.85 -1.81
C GLU A 21 -17.65 4.67 -2.77
N VAL A 22 -16.81 4.71 -3.81
CA VAL A 22 -16.72 3.58 -4.74
C VAL A 22 -16.29 2.32 -4.00
N ALA A 23 -15.31 2.45 -3.10
CA ALA A 23 -14.86 1.29 -2.33
C ALA A 23 -16.01 0.70 -1.50
N LYS A 24 -16.80 1.56 -0.87
CA LYS A 24 -17.93 1.06 -0.08
C LYS A 24 -18.94 0.33 -0.96
N ASN A 25 -19.25 0.89 -2.14
CA ASN A 25 -20.23 0.24 -3.01
C ASN A 25 -19.71 -1.08 -3.54
N LEU A 26 -18.40 -1.17 -3.83
CA LEU A 26 -17.86 -2.44 -4.28
C LEU A 26 -17.90 -3.47 -3.15
N ASN A 27 -17.71 -3.04 -1.90
CA ASN A 27 -17.86 -3.97 -0.79
C ASN A 27 -19.29 -4.48 -0.69
N GLU A 28 -20.27 -3.61 -0.95
CA GLU A 28 -21.66 -4.05 -0.93
C GLU A 28 -21.95 -5.06 -2.04
N SER A 29 -21.39 -4.82 -3.24
CA SER A 29 -21.55 -5.80 -4.31
C SER A 29 -20.82 -7.11 -4.01
N LEU A 30 -19.72 -7.04 -3.25
CA LEU A 30 -19.05 -8.26 -2.81
C LEU A 30 -19.94 -9.06 -1.87
N ILE A 31 -20.61 -8.37 -0.95
CA ILE A 31 -21.50 -9.06 -0.01
C ILE A 31 -22.65 -9.69 -0.77
N ASP A 32 -23.14 -9.02 -1.83
CA ASP A 32 -24.20 -9.62 -2.63
C ASP A 32 -23.70 -10.78 -3.48
N LEU A 33 -22.44 -10.73 -3.91
CA LEU A 33 -21.91 -11.83 -4.72
C LEU A 33 -21.66 -13.07 -3.88
N GLN A 34 -21.35 -12.90 -2.59
CA GLN A 34 -21.08 -14.06 -1.76
C GLN A 34 -22.35 -14.77 -1.33
N GLU A 35 -23.52 -14.18 -1.55
CA GLU A 35 -24.79 -14.80 -1.19
C GLU A 35 -25.54 -15.34 -2.42
N ILE B 2 23.17 4.34 -18.91
CA ILE B 2 22.95 2.97 -19.33
C ILE B 2 23.82 2.05 -18.46
N SER B 3 25.12 2.24 -18.51
CA SER B 3 26.02 1.66 -17.52
C SER B 3 25.66 2.15 -16.12
N GLY B 4 25.68 3.48 -15.92
CA GLY B 4 25.26 4.02 -14.63
C GLY B 4 23.81 3.75 -14.30
N ILE B 5 22.93 3.66 -15.30
CA ILE B 5 21.56 3.29 -15.03
C ILE B 5 21.51 1.86 -14.49
N ASN B 6 22.28 0.96 -15.10
CA ASN B 6 22.39 -0.40 -14.60
C ASN B 6 22.94 -0.44 -13.19
N ALA B 7 23.91 0.44 -12.88
CA ALA B 7 24.49 0.43 -11.55
C ALA B 7 23.47 0.85 -10.50
N SER B 8 22.67 1.87 -10.83
CA SER B 8 21.59 2.27 -9.93
C SER B 8 20.56 1.16 -9.78
N VAL B 9 20.26 0.48 -10.89
CA VAL B 9 19.25 -0.58 -10.87
C VAL B 9 19.71 -1.73 -9.98
N VAL B 10 20.95 -2.17 -10.13
CA VAL B 10 21.45 -3.28 -9.31
C VAL B 10 21.48 -2.89 -7.84
N ASN B 11 21.92 -1.66 -7.52
CA ASN B 11 22.00 -1.28 -6.12
C ASN B 11 20.61 -1.22 -5.48
N ILE B 12 19.62 -0.68 -6.21
CA ILE B 12 18.27 -0.62 -5.65
C ILE B 12 17.69 -2.03 -5.50
N GLN B 13 17.99 -2.92 -6.46
CA GLN B 13 17.53 -4.31 -6.33
C GLN B 13 18.12 -4.97 -5.09
N LYS B 14 19.41 -4.73 -4.85
CA LYS B 14 20.04 -5.26 -3.65
C LYS B 14 19.36 -4.75 -2.39
N GLU B 15 18.96 -3.48 -2.40
CA GLU B 15 18.27 -2.95 -1.23
C GLU B 15 16.86 -3.52 -1.08
N ILE B 16 16.21 -3.83 -2.20
CA ILE B 16 14.91 -4.51 -2.14
C ILE B 16 15.05 -5.88 -1.49
N ASP B 17 16.09 -6.63 -1.87
CA ASP B 17 16.34 -7.92 -1.25
C ASP B 17 16.59 -7.78 0.26
N ARG B 18 17.36 -6.76 0.65
CA ARG B 18 17.60 -6.54 2.07
C ARG B 18 16.31 -6.21 2.81
N LEU B 19 15.42 -5.41 2.19
CA LEU B 19 14.16 -5.07 2.83
C LEU B 19 13.29 -6.31 3.01
N ASN B 20 13.25 -7.18 2.00
CA ASN B 20 12.48 -8.41 2.14
C ASN B 20 13.03 -9.26 3.29
N GLU B 21 14.36 -9.34 3.42
CA GLU B 21 14.95 -10.05 4.54
C GLU B 21 14.52 -9.47 5.88
N VAL B 22 14.51 -8.13 5.98
CA VAL B 22 14.06 -7.48 7.20
C VAL B 22 12.61 -7.85 7.51
N ALA B 23 11.75 -7.85 6.49
CA ALA B 23 10.36 -8.24 6.68
C ALA B 23 10.25 -9.67 7.23
N LYS B 24 11.03 -10.59 6.66
CA LYS B 24 10.99 -11.98 7.14
C LYS B 24 11.40 -12.07 8.61
N ASN B 25 12.49 -11.38 8.98
CA ASN B 25 12.96 -11.46 10.36
C ASN B 25 11.99 -10.82 11.33
N LEU B 26 11.36 -9.71 10.92
CA LEU B 26 10.35 -9.09 11.78
C LEU B 26 9.14 -9.98 11.94
N ASN B 27 8.79 -10.73 10.89
CA ASN B 27 7.68 -11.68 10.99
C ASN B 27 8.02 -12.82 11.96
N GLU B 28 9.28 -13.29 11.95
CA GLU B 28 9.64 -14.35 12.91
C GLU B 28 9.60 -13.83 14.35
N SER B 29 10.05 -12.61 14.58
CA SER B 29 9.91 -12.06 15.93
C SER B 29 8.45 -11.86 16.31
N LEU B 30 7.61 -11.53 15.32
CA LEU B 30 6.18 -11.41 15.56
C LEU B 30 5.56 -12.74 15.96
N ILE B 31 5.95 -13.82 15.28
CA ILE B 31 5.42 -15.14 15.63
C ILE B 31 5.89 -15.54 17.02
N ASP B 32 7.12 -15.18 17.38
CA ASP B 32 7.59 -15.49 18.74
C ASP B 32 6.86 -14.65 19.79
N LEU B 33 6.44 -13.44 19.42
CA LEU B 33 5.68 -12.63 20.38
C LEU B 33 4.25 -13.14 20.53
N GLN B 34 3.69 -13.75 19.48
CA GLN B 34 2.30 -14.20 19.53
C GLN B 34 2.16 -15.52 20.30
N GLU B 35 3.16 -16.39 20.23
CA GLU B 35 3.13 -17.63 21.01
C GLU B 35 3.58 -17.43 22.45
N LEU B 36 3.91 -16.20 22.84
CA LEU B 36 4.30 -15.92 24.22
C LEU B 36 3.33 -14.94 24.85
N SER C 3 -16.70 -21.16 -7.96
CA SER C 3 -16.93 -21.10 -9.39
C SER C 3 -16.33 -19.82 -9.96
N GLY C 4 -16.95 -19.26 -11.01
CA GLY C 4 -16.53 -17.96 -11.51
C GLY C 4 -16.80 -16.84 -10.52
N ILE C 5 -17.85 -16.99 -9.71
CA ILE C 5 -18.22 -15.95 -8.74
C ILE C 5 -17.10 -15.72 -7.72
N ASN C 6 -16.44 -16.79 -7.27
CA ASN C 6 -15.44 -16.61 -6.21
C ASN C 6 -14.11 -16.09 -6.75
N ALA C 7 -13.74 -16.46 -7.98
CA ALA C 7 -12.66 -15.73 -8.64
C ALA C 7 -12.99 -14.24 -8.75
N SER C 8 -14.26 -13.93 -9.04
CA SER C 8 -14.67 -12.53 -9.11
C SER C 8 -14.55 -11.85 -7.75
N VAL C 9 -14.94 -12.54 -6.68
CA VAL C 9 -14.86 -11.92 -5.36
C VAL C 9 -13.40 -11.66 -4.99
N VAL C 10 -12.51 -12.60 -5.28
CA VAL C 10 -11.09 -12.39 -4.97
C VAL C 10 -10.57 -11.16 -5.71
N ASN C 11 -10.90 -11.06 -7.01
CA ASN C 11 -10.38 -9.94 -7.80
C ASN C 11 -10.96 -8.61 -7.34
N ILE C 12 -12.26 -8.57 -7.02
CA ILE C 12 -12.87 -7.33 -6.57
C ILE C 12 -12.30 -6.90 -5.23
N GLN C 13 -12.01 -7.86 -4.34
CA GLN C 13 -11.37 -7.51 -3.08
C GLN C 13 -9.98 -6.91 -3.30
N LYS C 14 -9.21 -7.51 -4.22
CA LYS C 14 -7.90 -6.95 -4.53
C LYS C 14 -8.01 -5.52 -5.07
N GLU C 15 -9.04 -5.26 -5.89
CA GLU C 15 -9.20 -3.91 -6.42
C GLU C 15 -9.69 -2.93 -5.36
N ILE C 16 -10.48 -3.39 -4.39
CA ILE C 16 -10.84 -2.54 -3.26
C ILE C 16 -9.59 -2.12 -2.49
N ASP C 17 -8.69 -3.08 -2.26
CA ASP C 17 -7.43 -2.75 -1.59
C ASP C 17 -6.64 -1.72 -2.39
N ARG C 18 -6.61 -1.87 -3.71
CA ARG C 18 -5.91 -0.92 -4.55
C ARG C 18 -6.53 0.48 -4.47
N LEU C 19 -7.86 0.55 -4.42
CA LEU C 19 -8.52 1.83 -4.27
C LEU C 19 -8.14 2.51 -2.95
N ASN C 20 -8.07 1.72 -1.88
CA ASN C 20 -7.63 2.29 -0.60
C ASN C 20 -6.22 2.85 -0.71
N GLU C 21 -5.33 2.14 -1.41
CA GLU C 21 -3.98 2.67 -1.62
C GLU C 21 -4.03 3.98 -2.40
N VAL C 22 -4.85 4.06 -3.44
CA VAL C 22 -4.94 5.29 -4.24
C VAL C 22 -5.36 6.45 -3.37
N ALA C 23 -6.38 6.25 -2.53
CA ALA C 23 -6.83 7.31 -1.63
C ALA C 23 -5.72 7.76 -0.70
N LYS C 24 -4.96 6.81 -0.13
CA LYS C 24 -3.89 7.17 0.78
C LYS C 24 -2.82 8.01 0.08
N ASN C 25 -2.43 7.62 -1.13
CA ASN C 25 -1.38 8.34 -1.84
C ASN C 25 -1.85 9.73 -2.25
N LEU C 26 -3.12 9.87 -2.63
CA LEU C 26 -3.64 11.20 -2.95
C LEU C 26 -3.67 12.07 -1.70
N ASN C 27 -3.92 11.49 -0.52
CA ASN C 27 -3.86 12.29 0.70
C ASN C 27 -2.46 12.80 0.97
N GLU C 28 -1.44 11.97 0.72
CA GLU C 28 -0.07 12.46 0.92
C GLU C 28 0.28 13.57 -0.09
N SER C 29 -0.20 13.44 -1.33
CA SER C 29 0.04 14.52 -2.28
C SER C 29 -0.68 15.81 -1.87
N LEU C 30 -1.83 15.69 -1.22
CA LEU C 30 -2.49 16.88 -0.68
C LEU C 30 -1.65 17.54 0.40
N ILE C 31 -1.05 16.72 1.28
CA ILE C 31 -0.21 17.28 2.33
C ILE C 31 0.99 17.99 1.74
N ASP C 32 1.53 17.46 0.63
CA ASP C 32 2.65 18.16 0.00
C ASP C 32 2.20 19.44 -0.69
N LEU C 33 0.98 19.47 -1.21
CA LEU C 33 0.51 20.67 -1.90
C LEU C 33 0.16 21.79 -0.94
N GLN C 34 -0.24 21.48 0.29
CA GLN C 34 -0.70 22.53 1.18
C GLN C 34 0.46 23.31 1.83
N GLU C 35 1.28 22.62 2.62
CA GLU C 35 2.34 23.31 3.34
C GLU C 35 3.72 22.90 2.82
N ILE D 2 0.31 -7.77 29.18
CA ILE D 2 -0.14 -8.57 28.06
C ILE D 2 -0.85 -7.68 27.03
N SER D 3 -1.38 -6.54 27.49
CA SER D 3 -1.94 -5.58 26.55
C SER D 3 -0.85 -4.86 25.77
N GLY D 4 0.30 -4.59 26.40
CA GLY D 4 1.42 -4.04 25.67
C GLY D 4 2.00 -5.01 24.66
N ILE D 5 1.98 -6.30 24.97
CA ILE D 5 2.43 -7.29 23.99
C ILE D 5 1.47 -7.34 22.82
N ASN D 6 0.16 -7.30 23.11
CA ASN D 6 -0.87 -7.18 22.08
C ASN D 6 -0.60 -5.97 21.17
N ALA D 7 -0.38 -4.80 21.77
CA ALA D 7 -0.13 -3.60 20.99
C ALA D 7 1.14 -3.73 20.16
N SER D 8 2.17 -4.36 20.73
CA SER D 8 3.40 -4.57 19.97
C SER D 8 3.15 -5.46 18.76
N VAL D 9 2.33 -6.51 18.93
CA VAL D 9 2.05 -7.40 17.82
C VAL D 9 1.34 -6.65 16.70
N VAL D 10 0.33 -5.84 17.07
CA VAL D 10 -0.41 -5.09 16.06
C VAL D 10 0.51 -4.11 15.32
N ASN D 11 1.33 -3.37 16.08
CA ASN D 11 2.17 -2.34 15.48
C ASN D 11 3.25 -2.95 14.60
N ILE D 12 3.85 -4.05 15.03
CA ILE D 12 4.87 -4.70 14.21
C ILE D 12 4.25 -5.26 12.93
N GLN D 13 3.03 -5.78 13.01
CA GLN D 13 2.39 -6.23 11.77
C GLN D 13 2.14 -5.07 10.80
N LYS D 14 1.66 -3.92 11.31
CA LYS D 14 1.44 -2.76 10.44
C LYS D 14 2.75 -2.32 9.78
N GLU D 15 3.84 -2.40 10.53
CA GLU D 15 5.11 -1.99 9.94
C GLU D 15 5.60 -2.99 8.91
N ILE D 16 5.31 -4.28 9.09
CA ILE D 16 5.64 -5.25 8.05
C ILE D 16 4.88 -4.93 6.77
N ASP D 17 3.60 -4.57 6.91
CA ASP D 17 2.81 -4.16 5.75
C ASP D 17 3.44 -2.96 5.06
N ARG D 18 3.90 -1.97 5.85
CA ARG D 18 4.54 -0.81 5.27
C ARG D 18 5.82 -1.19 4.51
N LEU D 19 6.60 -2.12 5.05
CA LEU D 19 7.80 -2.56 4.35
C LEU D 19 7.46 -3.20 3.00
N ASN D 20 6.41 -4.02 2.96
CA ASN D 20 5.99 -4.60 1.69
C ASN D 20 5.62 -3.50 0.69
N GLU D 21 4.93 -2.47 1.17
CA GLU D 21 4.60 -1.34 0.30
C GLU D 21 5.85 -0.67 -0.26
N VAL D 22 6.87 -0.48 0.59
CA VAL D 22 8.13 0.12 0.12
C VAL D 22 8.76 -0.73 -0.97
N ALA D 23 8.81 -2.05 -0.76
CA ALA D 23 9.42 -2.93 -1.75
C ALA D 23 8.72 -2.84 -3.09
N LYS D 24 7.38 -2.87 -3.08
CA LYS D 24 6.63 -2.81 -4.33
C LYS D 24 6.86 -1.48 -5.06
N ASN D 25 6.85 -0.37 -4.31
CA ASN D 25 7.06 0.93 -4.93
C ASN D 25 8.47 1.04 -5.51
N LEU D 26 9.46 0.46 -4.84
CA LEU D 26 10.80 0.43 -5.41
C LEU D 26 10.86 -0.41 -6.68
N ASN D 27 10.04 -1.48 -6.76
CA ASN D 27 10.05 -2.27 -7.99
C ASN D 27 9.54 -1.48 -9.20
N GLU D 28 8.39 -0.81 -9.07
CA GLU D 28 8.05 0.00 -10.26
C GLU D 28 8.87 1.28 -10.38
N SER D 29 9.62 1.67 -9.34
CA SER D 29 10.62 2.71 -9.60
C SER D 29 11.72 2.17 -10.51
N LEU D 30 12.03 0.87 -10.38
CA LEU D 30 12.96 0.23 -11.30
C LEU D 30 12.41 0.22 -12.71
N ILE D 31 11.11 -0.06 -12.85
CA ILE D 31 10.53 -0.05 -14.19
C ILE D 31 10.61 1.35 -14.79
N ASP D 32 10.42 2.39 -13.96
CA ASP D 32 10.53 3.75 -14.50
C ASP D 32 11.97 4.10 -14.85
N LEU D 33 12.95 3.55 -14.13
CA LEU D 33 14.33 3.85 -14.43
C LEU D 33 14.83 3.14 -15.69
N GLN D 34 14.32 1.95 -15.99
CA GLN D 34 14.88 1.20 -17.11
C GLN D 34 14.32 1.66 -18.46
N GLU D 35 13.02 1.88 -18.56
CA GLU D 35 12.45 2.26 -19.84
C GLU D 35 11.63 3.54 -19.72
#